data_3ZLB
#
_entry.id   3ZLB
#
_cell.length_a   40.347
_cell.length_b   78.227
_cell.length_c   59.033
_cell.angle_alpha   90.00
_cell.angle_beta   96.34
_cell.angle_gamma   90.00
#
_symmetry.space_group_name_H-M   'P 1 21 1'
#
loop_
_entity.id
_entity.type
_entity.pdbx_description
1 polymer 'PHOSPHOGLYCERATE KINASE'
2 non-polymer 'MAGNESIUM ION'
3 non-polymer 'PHOSPHOAMINOPHOSPHONIC ACID-ADENYLATE ESTER'
4 non-polymer GLYCEROL
5 water water
#
_entity_poly.entity_id   1
_entity_poly.type   'polypeptide(L)'
_entity_poly.pdbx_seq_one_letter_code
;MAKLTVKDVDLKGKKVLVRVDFNVPLKDGVITNDNRITAALPTIKYIIEQGGRAILFSHLGRVKEESDKAGKSLAPVAAD
LAAKLGQDVVFPGVTRGAELEAAINALEDGQVLLVENTRYEDVDGKKESKNDPELGKYWASLGDGIFVNDAFGTAHRAHA
SNVGISANVEKAVAGFLLENEIAYIQEAVETPERPFVAILGGSKVSDKIGVIENLLEKADKVLIGGGMTYTFYKAQGIEI
GNSLVEEDKLDVAKALLEKANGKLILPVDSKEANAFAGYTEVRDTEGEAVSEGFLGLDIGPKSIAKFDEALTGAKTVVWN
GPMGVFENPDFQAGTIGVMDAIVKQPGVKSIIGGGDSAAAAINLGRADKFSWISTGGGASMELLEGKVLPGLAALTEK
;
_entity_poly.pdbx_strand_id   A
#
# COMPACT_ATOMS: atom_id res chain seq x y z
N MET A 1 -9.86 16.38 6.76
CA MET A 1 -10.47 15.24 6.00
C MET A 1 -11.99 15.29 5.91
N ALA A 2 -12.54 14.70 4.83
CA ALA A 2 -13.99 14.60 4.63
C ALA A 2 -14.65 13.52 5.51
N LYS A 3 -13.93 12.44 5.83
CA LYS A 3 -14.33 11.51 6.90
C LYS A 3 -13.89 12.07 8.25
N LEU A 4 -14.59 11.70 9.30
CA LEU A 4 -14.11 11.95 10.65
C LEU A 4 -12.78 11.28 10.91
N THR A 5 -11.97 11.91 11.75
CA THR A 5 -10.75 11.29 12.25
C THR A 5 -10.81 11.14 13.76
N VAL A 6 -9.80 10.49 14.28
CA VAL A 6 -9.74 10.21 15.69
C VAL A 6 -9.63 11.51 16.47
N LYS A 7 -9.16 12.58 15.84
CA LYS A 7 -9.10 13.91 16.48
C LYS A 7 -10.46 14.60 16.59
N ASP A 8 -11.44 14.09 15.87
CA ASP A 8 -12.80 14.67 15.79
C ASP A 8 -13.78 14.08 16.79
N VAL A 9 -13.32 13.17 17.65
CA VAL A 9 -14.18 12.55 18.63
C VAL A 9 -13.60 12.60 20.03
N ASP A 10 -14.47 12.67 21.03
CA ASP A 10 -14.05 12.72 22.43
C ASP A 10 -13.80 11.32 23.01
N LEU A 11 -12.59 11.08 23.49
CA LEU A 11 -12.15 9.73 23.84
C LEU A 11 -12.02 9.47 25.33
N LYS A 12 -11.94 10.54 26.12
CA LYS A 12 -11.69 10.43 27.56
C LYS A 12 -12.69 9.53 28.28
N GLY A 13 -12.17 8.49 28.91
CA GLY A 13 -13.00 7.60 29.70
C GLY A 13 -13.73 6.56 28.87
N LYS A 14 -13.52 6.59 27.56
CA LYS A 14 -14.24 5.66 26.67
C LYS A 14 -13.41 4.50 26.21
N LYS A 15 -14.07 3.37 26.04
CA LYS A 15 -13.52 2.24 25.30
C LYS A 15 -13.42 2.69 23.85
N VAL A 16 -12.26 2.49 23.23
CA VAL A 16 -12.06 2.89 21.84
C VAL A 16 -11.59 1.67 21.08
N LEU A 17 -12.38 1.22 20.12
CA LEU A 17 -12.03 0.07 19.29
C LEU A 17 -11.13 0.54 18.15
N VAL A 18 -9.99 -0.13 17.94
CA VAL A 18 -9.02 0.30 16.92
C VAL A 18 -8.58 -0.87 16.07
N ARG A 19 -8.75 -0.76 14.76
CA ARG A 19 -8.14 -1.70 13.84
C ARG A 19 -6.73 -1.22 13.46
N VAL A 20 -5.73 -1.94 13.92
CA VAL A 20 -4.35 -1.57 13.69
C VAL A 20 -3.72 -2.60 12.76
N ASP A 21 -2.58 -2.27 12.19
CA ASP A 21 -1.86 -3.20 11.34
C ASP A 21 -0.70 -3.77 12.09
N PHE A 22 -0.91 -4.95 12.71
CA PHE A 22 0.13 -5.70 13.38
C PHE A 22 0.45 -6.98 12.62
N ASN A 23 0.25 -6.99 11.30
CA ASN A 23 0.53 -8.18 10.51
C ASN A 23 1.99 -8.19 10.13
N VAL A 24 2.82 -8.52 11.10
CA VAL A 24 4.26 -8.50 10.96
C VAL A 24 4.79 -9.88 10.61
N PRO A 25 5.99 -9.93 10.00
CA PRO A 25 6.59 -11.23 9.71
C PRO A 25 7.04 -11.88 10.99
N LEU A 26 6.83 -13.19 11.09
CA LEU A 26 7.30 -13.98 12.21
C LEU A 26 8.12 -15.12 11.68
N LYS A 27 9.04 -15.60 12.49
CA LYS A 27 9.70 -16.88 12.26
C LYS A 27 9.86 -17.49 13.63
N ASP A 28 9.26 -18.67 13.81
CA ASP A 28 9.33 -19.39 15.08
C ASP A 28 8.93 -18.49 16.23
N GLY A 29 7.76 -17.88 16.14
CA GLY A 29 7.23 -17.06 17.22
C GLY A 29 7.95 -15.73 17.44
N VAL A 30 8.82 -15.36 16.52
CA VAL A 30 9.66 -14.17 16.69
C VAL A 30 9.54 -13.13 15.59
N ILE A 31 9.31 -11.90 16.00
CA ILE A 31 9.07 -10.81 15.06
C ILE A 31 10.38 -10.44 14.34
N THR A 32 10.37 -10.54 13.02
CA THR A 32 11.55 -10.30 12.22
C THR A 32 11.58 -8.90 11.63
N ASN A 33 10.46 -8.19 11.74
CA ASN A 33 10.35 -6.81 11.28
C ASN A 33 9.20 -6.09 11.98
N ASP A 34 9.52 -5.15 12.87
CA ASP A 34 8.50 -4.47 13.63
C ASP A 34 8.00 -3.18 12.99
N ASN A 35 8.30 -2.96 11.71
CA ASN A 35 7.95 -1.67 11.09
C ASN A 35 6.45 -1.34 11.24
N ARG A 36 5.59 -2.31 11.01
CA ARG A 36 4.15 -2.02 11.10
C ARG A 36 3.71 -1.70 12.51
N ILE A 37 4.39 -2.26 13.51
CA ILE A 37 4.06 -1.94 14.89
C ILE A 37 4.48 -0.50 15.17
N THR A 38 5.70 -0.13 14.78
CA THR A 38 6.14 1.26 14.91
C THR A 38 5.18 2.24 14.24
N ALA A 39 4.72 1.90 13.05
CA ALA A 39 3.89 2.77 12.26
C ALA A 39 2.52 2.95 12.92
N ALA A 40 2.12 1.99 13.76
CA ALA A 40 0.82 2.01 14.41
C ALA A 40 0.84 2.91 15.64
N LEU A 41 2.02 3.25 16.15
CA LEU A 41 2.10 3.88 17.45
C LEU A 41 1.40 5.24 17.59
N PRO A 42 1.50 6.13 16.58
CA PRO A 42 0.99 7.49 16.81
C PRO A 42 -0.47 7.53 17.19
N THR A 43 -1.28 6.71 16.54
CA THR A 43 -2.71 6.64 16.86
C THR A 43 -2.95 6.05 18.23
N ILE A 44 -2.23 4.97 18.53
CA ILE A 44 -2.36 4.31 19.82
C ILE A 44 -2.00 5.27 20.96
N LYS A 45 -0.84 5.91 20.81
CA LYS A 45 -0.35 6.84 21.81
C LYS A 45 -1.29 8.01 22.01
N TYR A 46 -1.86 8.51 20.92
CA TYR A 46 -2.82 9.59 21.01
C TYR A 46 -4.04 9.17 21.82
N ILE A 47 -4.58 7.99 21.57
CA ILE A 47 -5.75 7.52 22.29
C ILE A 47 -5.47 7.40 23.79
N ILE A 48 -4.28 6.89 24.13
CA ILE A 48 -3.83 6.76 25.52
C ILE A 48 -3.75 8.12 26.16
N GLU A 49 -3.18 9.07 25.43
CA GLU A 49 -2.93 10.38 25.98
C GLU A 49 -4.23 11.10 26.24
N GLN A 50 -5.25 10.81 25.44
CA GLN A 50 -6.56 11.42 25.57
C GLN A 50 -7.40 10.78 26.68
N GLY A 51 -6.89 9.70 27.27
CA GLY A 51 -7.60 9.06 28.36
C GLY A 51 -8.56 8.01 27.85
N GLY A 52 -8.41 7.60 26.60
CA GLY A 52 -9.22 6.52 26.09
C GLY A 52 -8.72 5.16 26.57
N ARG A 53 -9.55 4.15 26.43
CA ARG A 53 -9.16 2.77 26.71
C ARG A 53 -9.07 2.01 25.41
N ALA A 54 -7.86 1.73 24.96
CA ALA A 54 -7.63 1.22 23.61
C ALA A 54 -7.83 -0.28 23.54
N ILE A 55 -8.72 -0.71 22.65
CA ILE A 55 -8.98 -2.12 22.43
C ILE A 55 -8.58 -2.38 20.99
N LEU A 56 -7.46 -3.08 20.78
CA LEU A 56 -6.82 -3.23 19.49
C LEU A 56 -7.12 -4.55 18.82
N PHE A 57 -7.38 -4.47 17.50
CA PHE A 57 -7.64 -5.62 16.65
C PHE A 57 -6.63 -5.65 15.51
N SER A 58 -6.13 -6.83 15.19
CA SER A 58 -5.31 -7.03 13.99
C SER A 58 -5.41 -8.45 13.50
N HIS A 59 -5.20 -8.64 12.20
CA HIS A 59 -4.91 -9.95 11.71
C HIS A 59 -3.41 -10.18 11.70
N LEU A 60 -3.03 -11.44 11.55
CA LEU A 60 -1.65 -11.80 11.25
C LEU A 60 -1.66 -13.05 10.38
N GLY A 61 -1.10 -12.93 9.18
CA GLY A 61 -1.07 -14.06 8.27
C GLY A 61 -2.47 -14.50 7.85
N ARG A 62 -2.60 -15.77 7.47
CA ARG A 62 -3.85 -16.36 7.05
C ARG A 62 -4.04 -17.62 7.86
N VAL A 63 -5.28 -17.89 8.22
CA VAL A 63 -5.64 -19.01 9.07
C VAL A 63 -6.83 -19.70 8.45
N LYS A 64 -6.65 -20.94 8.00
CA LYS A 64 -7.73 -21.65 7.32
C LYS A 64 -8.26 -22.76 8.21
N GLU A 65 -7.38 -23.44 8.94
CA GLU A 65 -7.81 -24.49 9.85
C GLU A 65 -7.18 -24.37 11.23
N GLU A 66 -7.66 -25.17 12.18
CA GLU A 66 -7.22 -25.04 13.57
C GLU A 66 -5.69 -25.08 13.72
N SER A 67 -5.03 -25.92 12.92
CA SER A 67 -3.59 -26.13 13.04
C SER A 67 -2.81 -24.90 12.61
N ASP A 68 -3.46 -24.01 11.88
CA ASP A 68 -2.82 -22.80 11.40
C ASP A 68 -2.71 -21.74 12.47
N LYS A 69 -3.41 -21.92 13.59
CA LYS A 69 -3.42 -20.89 14.63
C LYS A 69 -2.05 -20.84 15.28
N ALA A 70 -1.43 -22.02 15.36
CA ALA A 70 -0.09 -22.16 15.91
C ALA A 70 0.89 -21.34 15.12
N GLY A 71 1.60 -20.47 15.82
CA GLY A 71 2.63 -19.68 15.17
C GLY A 71 2.12 -18.30 14.83
N LYS A 72 0.81 -18.15 14.80
CA LYS A 72 0.20 -16.91 14.37
C LYS A 72 -0.54 -16.19 15.51
N SER A 73 -0.28 -16.58 16.75
CA SER A 73 -0.76 -15.79 17.88
C SER A 73 -0.14 -14.39 17.85
N LEU A 74 -0.90 -13.38 18.30
CA LEU A 74 -0.36 -12.03 18.50
C LEU A 74 0.37 -11.86 19.83
N ALA A 75 0.55 -12.94 20.58
CA ALA A 75 1.20 -12.84 21.89
C ALA A 75 2.54 -12.08 21.83
N PRO A 76 3.40 -12.42 20.88
CA PRO A 76 4.70 -11.73 20.79
C PRO A 76 4.55 -10.27 20.40
N VAL A 77 3.51 -9.95 19.64
CA VAL A 77 3.22 -8.58 19.26
C VAL A 77 2.74 -7.76 20.46
N ALA A 78 1.94 -8.35 21.31
CA ALA A 78 1.49 -7.64 22.51
C ALA A 78 2.71 -7.28 23.36
N ALA A 79 3.66 -8.20 23.45
CA ALA A 79 4.87 -7.99 24.23
C ALA A 79 5.73 -6.90 23.64
N ASP A 80 5.87 -6.94 22.32
CA ASP A 80 6.63 -5.93 21.60
C ASP A 80 6.01 -4.54 21.77
N LEU A 81 4.71 -4.44 21.60
CA LEU A 81 4.01 -3.18 21.75
C LEU A 81 4.22 -2.63 23.16
N ALA A 82 4.14 -3.49 24.18
CA ALA A 82 4.24 -3.02 25.55
C ALA A 82 5.60 -2.43 25.81
N ALA A 83 6.62 -3.04 25.21
CA ALA A 83 7.98 -2.54 25.33
C ALA A 83 8.09 -1.19 24.64
N LYS A 84 7.48 -1.04 23.46
CA LYS A 84 7.54 0.25 22.77
C LYS A 84 6.75 1.34 23.51
N LEU A 85 5.65 0.96 24.17
CA LEU A 85 4.81 1.95 24.85
C LEU A 85 5.33 2.29 26.22
N GLY A 86 6.07 1.37 26.84
CA GLY A 86 6.47 1.52 28.24
C GLY A 86 5.33 1.26 29.20
N GLN A 87 4.38 0.45 28.79
CA GLN A 87 3.31 0.05 29.69
C GLN A 87 2.74 -1.29 29.29
N ASP A 88 1.93 -1.89 30.15
CA ASP A 88 1.38 -3.20 29.86
C ASP A 88 0.41 -3.15 28.69
N VAL A 89 0.36 -4.24 27.93
CA VAL A 89 -0.67 -4.47 26.93
C VAL A 89 -1.36 -5.76 27.35
N VAL A 90 -2.62 -5.66 27.74
CA VAL A 90 -3.38 -6.82 28.23
C VAL A 90 -3.69 -7.75 27.07
N PHE A 91 -3.50 -9.05 27.29
CA PHE A 91 -3.61 -10.01 26.20
C PHE A 91 -4.24 -11.32 26.70
N PRO A 92 -5.57 -11.37 26.67
CA PRO A 92 -6.34 -12.51 27.15
C PRO A 92 -6.14 -13.75 26.27
N GLY A 93 -5.71 -13.58 25.04
CA GLY A 93 -5.49 -14.71 24.15
C GLY A 93 -6.74 -15.27 23.49
N VAL A 94 -7.83 -14.50 23.51
CA VAL A 94 -9.07 -14.90 22.86
C VAL A 94 -9.57 -13.83 21.90
N THR A 95 -10.50 -14.18 21.01
CA THR A 95 -11.12 -13.23 20.09
C THR A 95 -12.52 -12.86 20.54
N ARG A 96 -13.09 -13.68 21.42
CA ARG A 96 -14.42 -13.43 21.96
C ARG A 96 -14.58 -14.05 23.33
N GLY A 97 -15.61 -13.60 24.04
CA GLY A 97 -16.00 -14.29 25.26
C GLY A 97 -16.08 -13.45 26.50
N ALA A 98 -16.65 -14.04 27.54
CA ALA A 98 -16.87 -13.36 28.81
C ALA A 98 -15.58 -12.90 29.44
N GLU A 99 -14.52 -13.69 29.35
CA GLU A 99 -13.22 -13.30 29.90
C GLU A 99 -12.67 -12.09 29.21
N LEU A 100 -12.85 -12.03 27.88
CA LEU A 100 -12.39 -10.87 27.14
C LEU A 100 -13.15 -9.64 27.55
N GLU A 101 -14.46 -9.77 27.64
CA GLU A 101 -15.31 -8.69 28.08
C GLU A 101 -14.96 -8.20 29.49
N ALA A 102 -14.66 -9.13 30.40
CA ALA A 102 -14.27 -8.76 31.76
C ALA A 102 -12.95 -8.02 31.75
N ALA A 103 -12.03 -8.45 30.89
CA ALA A 103 -10.72 -7.82 30.80
C ALA A 103 -10.86 -6.39 30.26
N ILE A 104 -11.74 -6.21 29.29
CA ILE A 104 -12.00 -4.88 28.71
C ILE A 104 -12.61 -3.95 29.75
N ASN A 105 -13.58 -4.46 30.54
CA ASN A 105 -14.25 -3.65 31.53
C ASN A 105 -13.30 -3.11 32.59
N ALA A 106 -12.20 -3.83 32.79
CA ALA A 106 -11.22 -3.52 33.85
C ALA A 106 -10.18 -2.51 33.41
N LEU A 107 -10.11 -2.23 32.13
CA LEU A 107 -9.18 -1.22 31.63
C LEU A 107 -9.49 0.12 32.25
N GLU A 108 -8.44 0.76 32.75
CA GLU A 108 -8.56 2.14 33.24
C GLU A 108 -8.20 3.12 32.14
N ASP A 109 -8.50 4.40 32.31
CA ASP A 109 -8.14 5.37 31.28
C ASP A 109 -6.68 5.22 30.92
N GLY A 110 -6.32 5.19 29.63
CA GLY A 110 -4.93 5.19 29.24
C GLY A 110 -4.35 3.82 29.04
N GLN A 111 -5.14 2.77 29.30
CA GLN A 111 -4.65 1.41 29.16
C GLN A 111 -5.01 0.80 27.82
N VAL A 112 -4.31 -0.29 27.51
CA VAL A 112 -4.37 -0.92 26.21
C VAL A 112 -4.61 -2.45 26.34
N LEU A 113 -5.49 -2.98 25.53
CA LEU A 113 -5.69 -4.42 25.39
C LEU A 113 -5.62 -4.80 23.93
N LEU A 114 -5.00 -5.96 23.63
CA LEU A 114 -4.93 -6.52 22.30
C LEU A 114 -5.72 -7.81 22.19
N VAL A 115 -6.72 -7.80 21.31
CA VAL A 115 -7.54 -8.98 20.99
C VAL A 115 -6.69 -9.94 20.19
N GLU A 116 -6.92 -11.26 20.31
CA GLU A 116 -6.17 -12.22 19.54
C GLU A 116 -6.43 -12.06 18.05
N ASN A 117 -5.50 -12.58 17.25
CA ASN A 117 -5.56 -12.59 15.80
C ASN A 117 -6.97 -12.70 15.26
N THR A 118 -7.44 -11.68 14.56
CA THR A 118 -8.81 -11.68 14.08
C THR A 118 -9.06 -12.85 13.15
N ARG A 119 -8.04 -13.33 12.45
CA ARG A 119 -8.28 -14.43 11.52
C ARG A 119 -8.36 -15.78 12.19
N TYR A 120 -8.21 -15.82 13.50
CA TYR A 120 -8.60 -17.03 14.22
C TYR A 120 -10.09 -17.32 14.00
N GLU A 121 -10.86 -16.27 13.73
CA GLU A 121 -12.30 -16.43 13.47
C GLU A 121 -12.59 -16.97 12.07
N ASP A 122 -11.56 -17.17 11.26
CA ASP A 122 -11.74 -17.68 9.92
C ASP A 122 -11.80 -19.21 9.90
N VAL A 123 -11.43 -19.86 10.99
CA VAL A 123 -11.35 -21.32 10.98
C VAL A 123 -12.73 -21.94 10.77
N ASP A 124 -13.71 -21.46 11.51
CA ASP A 124 -15.09 -21.91 11.30
C ASP A 124 -15.85 -20.90 10.46
N GLY A 125 -15.78 -21.07 9.14
CA GLY A 125 -16.63 -20.34 8.23
C GLY A 125 -16.14 -19.00 7.76
N LYS A 126 -14.84 -18.73 7.86
CA LYS A 126 -14.30 -17.47 7.33
C LYS A 126 -15.02 -16.24 7.86
N LYS A 127 -15.33 -16.22 9.15
CA LYS A 127 -16.15 -15.15 9.71
C LYS A 127 -15.53 -13.75 9.63
N GLU A 128 -14.21 -13.64 9.74
CA GLU A 128 -13.52 -12.37 9.69
C GLU A 128 -13.35 -11.93 8.23
N SER A 129 -12.81 -12.82 7.39
CA SER A 129 -12.49 -12.46 6.03
C SER A 129 -13.71 -12.33 5.16
N LYS A 130 -14.82 -12.94 5.57
CA LYS A 130 -16.06 -12.85 4.82
C LYS A 130 -17.08 -11.97 5.53
N ASN A 131 -16.65 -11.28 6.57
CA ASN A 131 -17.46 -10.29 7.29
C ASN A 131 -18.80 -10.85 7.77
N ASP A 132 -18.74 -11.93 8.55
CA ASP A 132 -19.92 -12.47 9.16
C ASP A 132 -20.63 -11.38 9.96
N PRO A 133 -21.90 -11.14 9.69
CA PRO A 133 -22.67 -10.09 10.39
C PRO A 133 -22.60 -10.19 11.90
N GLU A 134 -22.74 -11.39 12.46
CA GLU A 134 -22.74 -11.53 13.91
C GLU A 134 -21.40 -11.20 14.55
N LEU A 135 -20.31 -11.53 13.90
CA LEU A 135 -18.99 -11.18 14.45
C LEU A 135 -18.74 -9.67 14.52
N GLY A 136 -19.07 -8.94 13.46
CA GLY A 136 -18.91 -7.51 13.49
C GLY A 136 -19.74 -6.87 14.58
N LYS A 137 -20.98 -7.34 14.69
CA LYS A 137 -21.90 -6.85 15.71
C LYS A 137 -21.34 -7.13 17.10
N TYR A 138 -20.73 -8.31 17.28
CA TYR A 138 -20.18 -8.69 18.57
C TYR A 138 -18.96 -7.83 18.95
N TRP A 139 -18.00 -7.72 18.04
CA TRP A 139 -16.84 -6.87 18.31
C TRP A 139 -17.21 -5.42 18.54
N ALA A 140 -18.18 -4.89 17.81
CA ALA A 140 -18.64 -3.53 18.06
C ALA A 140 -19.23 -3.37 19.45
N SER A 141 -19.87 -4.43 19.94
CA SER A 141 -20.57 -4.35 21.22
C SER A 141 -19.61 -4.25 22.38
N LEU A 142 -18.33 -4.51 22.12
CA LEU A 142 -17.31 -4.40 23.15
C LEU A 142 -16.93 -2.95 23.47
N GLY A 143 -17.37 -2.01 22.65
CA GLY A 143 -16.94 -0.64 22.80
C GLY A 143 -17.97 0.31 23.33
N ASP A 144 -17.73 1.59 23.06
CA ASP A 144 -18.60 2.68 23.50
C ASP A 144 -18.97 3.55 22.28
N GLY A 145 -19.09 2.94 21.10
CA GLY A 145 -19.64 3.63 19.94
C GLY A 145 -18.63 4.33 19.06
N ILE A 146 -17.35 4.08 19.33
CA ILE A 146 -16.29 4.67 18.55
C ILE A 146 -15.37 3.58 18.02
N PHE A 147 -15.14 3.61 16.70
CA PHE A 147 -14.19 2.71 16.05
C PHE A 147 -13.21 3.55 15.27
N VAL A 148 -11.92 3.28 15.45
CA VAL A 148 -10.86 3.94 14.71
C VAL A 148 -10.22 2.93 13.76
N ASN A 149 -10.25 3.20 12.46
CA ASN A 149 -9.58 2.35 11.48
C ASN A 149 -8.24 2.94 11.14
N ASP A 150 -7.17 2.22 11.49
CA ASP A 150 -5.82 2.68 11.19
C ASP A 150 -5.05 1.61 10.41
N ALA A 151 -5.76 0.85 9.60
CA ALA A 151 -5.14 -0.23 8.81
C ALA A 151 -5.55 -0.13 7.35
N PHE A 152 -4.90 0.78 6.66
CA PHE A 152 -5.18 1.02 5.26
C PHE A 152 -5.01 -0.25 4.45
N GLY A 153 -4.06 -1.09 4.83
CA GLY A 153 -3.76 -2.32 4.13
C GLY A 153 -4.89 -3.34 3.97
N THR A 154 -5.95 -3.23 4.75
CA THR A 154 -7.13 -4.08 4.51
C THR A 154 -8.34 -3.25 4.16
N ALA A 155 -8.17 -1.96 3.92
CA ALA A 155 -9.32 -1.10 3.64
C ALA A 155 -10.06 -1.44 2.38
N HIS A 156 -9.40 -2.16 1.48
CA HIS A 156 -10.00 -2.55 0.21
C HIS A 156 -10.85 -3.80 0.32
N ARG A 157 -10.90 -4.39 1.51
CA ARG A 157 -11.66 -5.61 1.72
C ARG A 157 -12.69 -5.42 2.83
N ALA A 158 -13.81 -6.14 2.71
CA ALA A 158 -14.85 -6.02 3.72
C ALA A 158 -14.72 -7.20 4.69
N HIS A 159 -14.13 -6.91 5.86
CA HIS A 159 -13.94 -7.87 6.93
C HIS A 159 -14.72 -7.48 8.16
N ALA A 160 -14.88 -8.41 9.09
CA ALA A 160 -15.57 -8.11 10.32
C ALA A 160 -14.85 -7.06 11.11
N SER A 161 -13.52 -7.09 11.09
CA SER A 161 -12.69 -6.21 11.89
C SER A 161 -12.56 -4.79 11.33
N ASN A 162 -13.09 -4.49 10.14
CA ASN A 162 -13.12 -3.11 9.66
C ASN A 162 -14.54 -2.67 9.37
N VAL A 163 -15.11 -3.19 8.29
CA VAL A 163 -16.47 -2.84 7.88
C VAL A 163 -17.52 -3.37 8.87
N GLY A 164 -17.33 -4.57 9.38
CA GLY A 164 -18.26 -5.14 10.35
C GLY A 164 -18.44 -4.28 11.57
N ILE A 165 -17.32 -3.92 12.21
CA ILE A 165 -17.40 -3.05 13.38
C ILE A 165 -17.98 -1.70 12.99
N SER A 166 -17.50 -1.13 11.88
CA SER A 166 -17.93 0.17 11.45
C SER A 166 -19.43 0.25 11.31
N ALA A 167 -20.05 -0.83 10.79
CA ALA A 167 -21.49 -0.89 10.55
C ALA A 167 -22.30 -0.89 11.83
N ASN A 168 -21.64 -1.09 12.97
CA ASN A 168 -22.34 -1.33 14.21
C ASN A 168 -21.97 -0.37 15.32
N VAL A 169 -21.25 0.70 14.97
CA VAL A 169 -20.96 1.79 15.90
C VAL A 169 -21.48 3.12 15.36
N GLU A 170 -21.63 4.09 16.24
CA GLU A 170 -22.13 5.39 15.87
C GLU A 170 -21.09 6.18 15.05
N LYS A 171 -19.83 6.02 15.40
CA LYS A 171 -18.77 6.82 14.77
C LYS A 171 -17.61 5.95 14.38
N ALA A 172 -17.38 5.84 13.08
CA ALA A 172 -16.22 5.10 12.57
C ALA A 172 -15.30 6.09 11.93
N VAL A 173 -14.06 6.20 12.42
CA VAL A 173 -13.19 7.30 12.03
C VAL A 173 -11.80 6.84 11.67
N ALA A 174 -11.08 7.67 10.92
CA ALA A 174 -9.73 7.37 10.49
C ALA A 174 -8.69 7.64 11.56
N GLY A 175 -7.73 6.72 11.73
CA GLY A 175 -6.51 6.98 12.48
C GLY A 175 -5.49 7.78 11.69
N PHE A 176 -4.39 8.17 12.34
CA PHE A 176 -3.40 9.04 11.73
C PHE A 176 -2.75 8.47 10.48
N LEU A 177 -2.47 7.18 10.48
CA LEU A 177 -1.79 6.58 9.34
C LEU A 177 -2.73 6.44 8.15
N LEU A 178 -3.93 5.95 8.39
CA LEU A 178 -4.91 5.82 7.32
C LEU A 178 -5.26 7.21 6.78
N GLU A 179 -5.25 8.22 7.65
CA GLU A 179 -5.57 9.57 7.23
C GLU A 179 -4.54 10.04 6.21
N ASN A 180 -3.28 9.77 6.49
CA ASN A 180 -2.22 10.12 5.54
C ASN A 180 -2.32 9.28 4.25
N GLU A 181 -2.62 7.99 4.35
CA GLU A 181 -2.76 7.22 3.12
C GLU A 181 -3.86 7.80 2.25
N ILE A 182 -4.98 8.22 2.84
CA ILE A 182 -6.07 8.79 2.07
C ILE A 182 -5.63 10.11 1.47
N ALA A 183 -4.95 10.93 2.26
CA ALA A 183 -4.52 12.24 1.80
C ALA A 183 -3.62 12.15 0.57
N TYR A 184 -2.67 11.22 0.58
CA TYR A 184 -1.67 11.13 -0.48
C TYR A 184 -2.13 10.27 -1.64
N ILE A 185 -2.87 9.20 -1.36
CA ILE A 185 -3.19 8.23 -2.41
C ILE A 185 -4.55 8.51 -3.05
N GLN A 186 -5.44 9.16 -2.31
CA GLN A 186 -6.72 9.56 -2.87
C GLN A 186 -6.72 11.05 -3.18
N GLU A 187 -6.65 11.89 -2.17
CA GLU A 187 -6.94 13.30 -2.42
C GLU A 187 -5.85 13.98 -3.28
N ALA A 188 -4.62 13.54 -3.15
CA ALA A 188 -3.54 14.19 -3.91
C ALA A 188 -3.63 13.81 -5.38
N VAL A 189 -4.38 12.76 -5.68
CA VAL A 189 -4.57 12.31 -7.03
C VAL A 189 -5.81 12.90 -7.64
N GLU A 190 -6.87 12.98 -6.84
CA GLU A 190 -8.16 13.50 -7.29
C GLU A 190 -8.11 15.00 -7.46
N THR A 191 -7.34 15.66 -6.61
CA THR A 191 -7.24 17.10 -6.62
C THR A 191 -5.78 17.53 -6.52
N PRO A 192 -5.01 17.25 -7.57
CA PRO A 192 -3.56 17.39 -7.52
C PRO A 192 -3.10 18.82 -7.70
N GLU A 193 -1.99 19.17 -7.07
CA GLU A 193 -1.27 20.37 -7.46
C GLU A 193 -0.56 20.00 -8.75
N ARG A 194 -0.79 20.78 -9.79
CA ARG A 194 -0.26 20.47 -11.10
C ARG A 194 1.00 21.26 -11.38
N PRO A 195 1.86 20.74 -12.28
CA PRO A 195 1.71 19.46 -13.01
C PRO A 195 1.74 18.20 -12.13
N PHE A 196 0.84 17.28 -12.46
CA PHE A 196 0.79 15.93 -11.90
C PHE A 196 1.35 14.95 -12.91
N VAL A 197 2.49 14.36 -12.58
CA VAL A 197 3.12 13.31 -13.40
C VAL A 197 3.03 11.98 -12.68
N ALA A 198 2.40 11.01 -13.32
CA ALA A 198 2.39 9.65 -12.78
C ALA A 198 3.47 8.86 -13.49
N ILE A 199 4.08 7.94 -12.78
CA ILE A 199 5.11 7.08 -13.35
C ILE A 199 4.76 5.64 -13.02
N LEU A 200 4.54 4.81 -14.05
CA LEU A 200 4.18 3.42 -13.81
C LEU A 200 5.17 2.50 -14.47
N GLY A 201 5.69 1.53 -13.72
CA GLY A 201 6.68 0.59 -14.20
C GLY A 201 6.39 -0.82 -13.72
N GLY A 202 7.44 -1.55 -13.38
CA GLY A 202 7.27 -2.91 -12.97
C GLY A 202 7.18 -3.86 -14.14
N SER A 203 6.75 -5.10 -13.86
CA SER A 203 6.90 -6.21 -14.77
C SER A 203 5.85 -6.26 -15.89
N LYS A 204 4.61 -5.91 -15.56
CA LYS A 204 3.47 -6.21 -16.40
C LYS A 204 2.35 -5.16 -16.42
N VAL A 205 1.74 -5.03 -17.60
CA VAL A 205 0.59 -4.15 -17.83
C VAL A 205 -0.66 -4.66 -17.15
N SER A 206 -0.84 -5.97 -17.07
CA SER A 206 -2.10 -6.55 -16.64
C SER A 206 -2.51 -6.14 -15.23
N ASP A 207 -1.57 -6.00 -14.32
CA ASP A 207 -1.94 -5.63 -12.96
C ASP A 207 -2.05 -4.12 -12.80
N LYS A 208 -1.81 -3.37 -13.88
CA LYS A 208 -1.89 -1.90 -13.77
C LYS A 208 -2.86 -1.22 -14.73
N ILE A 209 -3.66 -1.99 -15.46
CA ILE A 209 -4.57 -1.44 -16.43
C ILE A 209 -5.51 -0.43 -15.78
N GLY A 210 -6.07 -0.77 -14.62
CA GLY A 210 -7.01 0.14 -13.98
C GLY A 210 -6.35 1.43 -13.53
N VAL A 211 -5.11 1.35 -13.08
CA VAL A 211 -4.41 2.52 -12.59
C VAL A 211 -3.99 3.40 -13.73
N ILE A 212 -3.54 2.79 -14.82
CA ILE A 212 -3.22 3.58 -16.01
C ILE A 212 -4.44 4.32 -16.52
N GLU A 213 -5.61 3.66 -16.55
CA GLU A 213 -6.81 4.32 -17.06
C GLU A 213 -7.19 5.51 -16.20
N ASN A 214 -7.17 5.31 -14.89
CA ASN A 214 -7.53 6.39 -13.99
C ASN A 214 -6.54 7.53 -14.04
N LEU A 215 -5.24 7.20 -14.02
CA LEU A 215 -4.25 8.26 -13.98
C LEU A 215 -4.13 8.99 -15.32
N LEU A 216 -4.59 8.38 -16.40
CA LEU A 216 -4.61 9.08 -17.68
C LEU A 216 -5.62 10.20 -17.65
N GLU A 217 -6.65 10.03 -16.83
CA GLU A 217 -7.67 11.06 -16.68
C GLU A 217 -7.25 12.13 -15.68
N LYS A 218 -6.56 11.71 -14.62
CA LYS A 218 -6.28 12.58 -13.49
C LYS A 218 -4.95 13.30 -13.64
N ALA A 219 -3.96 12.63 -14.23
CA ALA A 219 -2.64 13.23 -14.42
C ALA A 219 -2.46 14.02 -15.71
N ASP A 220 -1.47 14.89 -15.71
CA ASP A 220 -1.07 15.60 -16.92
C ASP A 220 -0.19 14.79 -17.86
N LYS A 221 0.64 13.93 -17.29
CA LYS A 221 1.44 12.99 -18.06
C LYS A 221 1.55 11.69 -17.30
N VAL A 222 1.70 10.60 -18.03
CA VAL A 222 1.94 9.29 -17.43
C VAL A 222 3.14 8.68 -18.13
N LEU A 223 4.23 8.52 -17.38
CA LEU A 223 5.45 7.94 -17.91
C LEU A 223 5.42 6.47 -17.65
N ILE A 224 5.81 5.69 -18.66
CA ILE A 224 5.79 4.23 -18.57
C ILE A 224 7.20 3.68 -18.63
N GLY A 225 7.51 2.71 -17.78
CA GLY A 225 8.79 2.02 -17.80
C GLY A 225 8.64 0.56 -17.45
N GLY A 226 9.78 -0.10 -17.23
CA GLY A 226 9.80 -1.48 -16.81
C GLY A 226 9.39 -2.44 -17.89
N GLY A 227 9.00 -3.65 -17.51
CA GLY A 227 8.61 -4.65 -18.47
C GLY A 227 7.37 -4.26 -19.21
N MET A 228 6.53 -3.43 -18.61
CA MET A 228 5.27 -3.02 -19.20
C MET A 228 5.51 -2.32 -20.54
N THR A 229 6.68 -1.68 -20.67
CA THR A 229 7.10 -1.05 -21.91
C THR A 229 6.87 -1.94 -23.13
N TYR A 230 7.19 -3.23 -23.01
CA TYR A 230 7.37 -4.05 -24.23
C TYR A 230 6.03 -4.53 -24.75
N THR A 231 5.04 -4.56 -23.88
CA THR A 231 3.68 -4.84 -24.33
C THR A 231 3.15 -3.65 -25.15
N PHE A 232 3.43 -2.44 -24.71
CA PHE A 232 3.08 -1.25 -25.48
C PHE A 232 3.84 -1.22 -26.79
N TYR A 233 5.12 -1.57 -26.79
CA TYR A 233 5.89 -1.60 -28.04
C TYR A 233 5.33 -2.60 -29.02
N LYS A 234 5.08 -3.82 -28.56
CA LYS A 234 4.56 -4.87 -29.41
C LYS A 234 3.21 -4.49 -30.01
N ALA A 235 2.39 -3.77 -29.24
CA ALA A 235 1.07 -3.35 -29.74
C ALA A 235 1.19 -2.39 -30.91
N GLN A 236 2.36 -1.77 -31.03
CA GLN A 236 2.64 -0.80 -32.10
C GLN A 236 3.42 -1.39 -33.25
N GLY A 237 3.78 -2.66 -33.16
CA GLY A 237 4.55 -3.30 -34.20
C GLY A 237 6.03 -3.16 -34.00
N ILE A 238 6.46 -2.71 -32.81
CA ILE A 238 7.89 -2.54 -32.55
C ILE A 238 8.49 -3.85 -32.09
N GLU A 239 9.66 -4.20 -32.63
CA GLU A 239 10.32 -5.45 -32.26
C GLU A 239 10.78 -5.36 -30.81
N ILE A 240 10.54 -6.41 -30.04
CA ILE A 240 10.90 -6.42 -28.63
C ILE A 240 11.82 -7.58 -28.26
N GLY A 241 12.36 -8.31 -29.24
CA GLY A 241 13.20 -9.45 -28.98
C GLY A 241 12.56 -10.43 -27.98
N ASN A 242 13.30 -10.77 -26.92
CA ASN A 242 12.84 -11.76 -25.96
C ASN A 242 12.29 -11.13 -24.70
N SER A 243 11.87 -9.87 -24.80
CA SER A 243 11.39 -9.11 -23.65
C SER A 243 10.08 -9.63 -23.07
N LEU A 244 9.84 -9.31 -21.81
CA LEU A 244 8.62 -9.74 -21.14
C LEU A 244 7.44 -9.03 -21.77
N VAL A 245 6.49 -9.80 -22.29
CA VAL A 245 5.31 -9.26 -22.93
C VAL A 245 4.07 -10.05 -22.55
N GLU A 246 2.93 -9.38 -22.51
CA GLU A 246 1.67 -10.09 -22.34
C GLU A 246 0.87 -9.99 -23.62
N GLU A 247 0.97 -11.04 -24.43
CA GLU A 247 0.31 -11.08 -25.73
C GLU A 247 -1.20 -10.93 -25.59
N ASP A 248 -1.76 -11.34 -24.45
CA ASP A 248 -3.20 -11.25 -24.19
C ASP A 248 -3.65 -9.82 -23.86
N LYS A 249 -2.70 -8.90 -23.73
CA LYS A 249 -3.05 -7.52 -23.41
C LYS A 249 -2.63 -6.56 -24.49
N LEU A 250 -2.31 -7.06 -25.67
CA LEU A 250 -1.90 -6.15 -26.74
C LEU A 250 -3.02 -5.20 -27.15
N ASP A 251 -4.25 -5.71 -27.23
CA ASP A 251 -5.37 -4.87 -27.63
C ASP A 251 -5.67 -3.76 -26.61
N VAL A 252 -5.66 -4.08 -25.33
CA VAL A 252 -5.85 -3.09 -24.29
C VAL A 252 -4.74 -2.04 -24.32
N ALA A 253 -3.52 -2.50 -24.54
CA ALA A 253 -2.40 -1.59 -24.64
C ALA A 253 -2.60 -0.62 -25.81
N LYS A 254 -3.05 -1.15 -26.94
CA LYS A 254 -3.24 -0.36 -28.14
C LYS A 254 -4.32 0.70 -27.89
N ALA A 255 -5.37 0.28 -27.20
CA ALA A 255 -6.48 1.16 -26.87
C ALA A 255 -6.12 2.27 -25.88
N LEU A 256 -5.23 1.99 -24.93
CA LEU A 256 -4.80 3.00 -23.96
C LEU A 256 -3.98 4.06 -24.69
N LEU A 257 -3.16 3.63 -25.65
CA LEU A 257 -2.34 4.55 -26.41
C LEU A 257 -3.21 5.47 -27.23
N GLU A 258 -4.23 4.88 -27.86
CA GLU A 258 -5.13 5.64 -28.73
C GLU A 258 -5.92 6.68 -27.94
N LYS A 259 -6.30 6.36 -26.72
CA LYS A 259 -7.09 7.27 -25.90
C LYS A 259 -6.24 8.28 -25.13
N ALA A 260 -4.94 8.02 -25.03
CA ALA A 260 -4.07 8.83 -24.20
C ALA A 260 -3.92 10.27 -24.69
N ASN A 261 -4.14 10.50 -25.98
CA ASN A 261 -4.04 11.84 -26.55
C ASN A 261 -2.73 12.52 -26.16
N GLY A 262 -1.62 11.81 -26.34
CA GLY A 262 -0.29 12.33 -26.07
C GLY A 262 0.16 12.40 -24.62
N LYS A 263 -0.66 11.92 -23.69
CA LYS A 263 -0.32 11.96 -22.29
C LYS A 263 0.54 10.78 -21.85
N LEU A 264 0.53 9.70 -22.62
CA LEU A 264 1.24 8.48 -22.27
C LEU A 264 2.61 8.49 -22.90
N ILE A 265 3.64 8.57 -22.07
CA ILE A 265 5.00 8.75 -22.56
C ILE A 265 5.82 7.48 -22.36
N LEU A 266 6.16 6.82 -23.47
CA LEU A 266 6.92 5.59 -23.44
C LEU A 266 8.42 5.86 -23.44
N PRO A 267 9.22 4.88 -23.02
CA PRO A 267 10.67 4.99 -23.22
C PRO A 267 10.99 5.06 -24.69
N VAL A 268 12.09 5.73 -25.02
CA VAL A 268 12.55 5.81 -26.40
C VAL A 268 13.81 4.97 -26.64
N ASP A 269 14.27 4.27 -25.60
CA ASP A 269 15.39 3.34 -25.71
C ASP A 269 15.45 2.42 -24.48
N SER A 270 16.25 1.37 -24.59
CA SER A 270 16.43 0.38 -23.53
C SER A 270 17.91 0.05 -23.32
N LYS A 271 18.23 -0.45 -22.14
CA LYS A 271 19.48 -1.16 -21.95
C LYS A 271 19.10 -2.61 -22.13
N GLU A 272 19.71 -3.28 -23.11
CA GLU A 272 19.33 -4.66 -23.42
C GLU A 272 20.48 -5.63 -23.21
N ALA A 273 20.15 -6.90 -23.02
CA ALA A 273 21.15 -7.95 -22.86
C ALA A 273 20.74 -9.18 -23.62
N ASN A 274 21.72 -10.06 -23.83
CA ASN A 274 21.47 -11.23 -24.65
C ASN A 274 21.06 -12.45 -23.83
N ALA A 275 20.69 -12.22 -22.58
CA ALA A 275 20.13 -13.24 -21.71
C ALA A 275 19.56 -12.51 -20.51
N PHE A 276 18.66 -13.14 -19.76
CA PHE A 276 18.18 -12.51 -18.55
C PHE A 276 19.22 -12.63 -17.45
N ALA A 277 19.85 -13.79 -17.40
CA ALA A 277 20.96 -14.07 -16.52
C ALA A 277 21.98 -14.83 -17.29
N GLY A 278 23.25 -14.56 -16.98
CA GLY A 278 24.33 -15.24 -17.66
C GLY A 278 24.60 -14.56 -18.97
N TYR A 279 24.09 -13.34 -19.13
CA TYR A 279 24.35 -12.57 -20.35
C TYR A 279 25.83 -12.24 -20.51
N THR A 280 26.24 -12.14 -21.78
CA THR A 280 27.64 -11.87 -22.16
C THR A 280 27.74 -10.60 -22.96
N GLU A 281 26.61 -9.97 -23.26
CA GLU A 281 26.64 -8.66 -23.88
C GLU A 281 25.50 -7.85 -23.31
N VAL A 282 25.80 -6.62 -22.90
CA VAL A 282 24.82 -5.65 -22.48
C VAL A 282 25.10 -4.38 -23.22
N ARG A 283 24.08 -3.72 -23.75
CA ARG A 283 24.27 -2.49 -24.52
C ARG A 283 23.00 -1.66 -24.60
N ASP A 284 23.13 -0.41 -24.99
CA ASP A 284 21.96 0.43 -25.19
C ASP A 284 21.42 0.25 -26.58
N THR A 285 20.10 0.25 -26.73
CA THR A 285 19.49 0.27 -28.04
C THR A 285 19.65 1.63 -28.67
N GLU A 286 19.64 1.67 -29.98
CA GLU A 286 19.73 2.94 -30.69
C GLU A 286 18.45 3.72 -30.49
N GLY A 287 17.33 3.00 -30.48
CA GLY A 287 16.02 3.57 -30.30
C GLY A 287 15.07 2.59 -29.65
N GLU A 288 13.79 2.65 -30.01
CA GLU A 288 12.79 1.87 -29.29
C GLU A 288 13.04 0.37 -29.44
N ALA A 289 13.35 -0.06 -30.66
CA ALA A 289 13.40 -1.47 -30.98
C ALA A 289 14.46 -2.23 -30.21
N VAL A 290 14.09 -3.39 -29.69
CA VAL A 290 15.01 -4.29 -29.03
C VAL A 290 15.55 -5.25 -30.09
N SER A 291 16.82 -5.65 -29.96
CA SER A 291 17.48 -6.51 -30.93
C SER A 291 17.00 -7.92 -30.82
N GLU A 292 16.93 -8.62 -31.94
CA GLU A 292 16.63 -10.05 -31.86
C GLU A 292 17.72 -10.76 -31.05
N GLY A 293 17.31 -11.68 -30.19
CA GLY A 293 18.23 -12.44 -29.39
C GLY A 293 18.51 -11.72 -28.08
N PHE A 294 17.96 -10.51 -27.92
CA PHE A 294 18.18 -9.72 -26.70
C PHE A 294 16.86 -9.44 -26.03
N LEU A 295 16.92 -8.94 -24.80
CA LEU A 295 15.71 -8.43 -24.18
C LEU A 295 15.97 -7.13 -23.45
N GLY A 296 14.96 -6.27 -23.32
CA GLY A 296 15.15 -5.02 -22.62
C GLY A 296 15.01 -5.18 -21.11
N LEU A 297 16.00 -4.70 -20.34
CA LEU A 297 16.04 -4.93 -18.89
C LEU A 297 16.10 -3.63 -18.10
N ASP A 298 16.17 -2.51 -18.79
CA ASP A 298 16.05 -1.21 -18.14
C ASP A 298 15.69 -0.20 -19.19
N ILE A 299 15.13 0.93 -18.78
CA ILE A 299 15.05 2.05 -19.73
C ILE A 299 16.45 2.54 -20.03
N GLY A 300 16.66 3.07 -21.22
CA GLY A 300 17.97 3.53 -21.60
C GLY A 300 18.21 4.98 -21.24
N PRO A 301 19.41 5.46 -21.52
CA PRO A 301 19.81 6.82 -21.16
C PRO A 301 19.00 7.92 -21.83
N LYS A 302 18.56 7.72 -23.07
CA LYS A 302 17.77 8.77 -23.73
C LYS A 302 16.41 8.90 -23.04
N SER A 303 15.90 7.76 -22.56
CA SER A 303 14.63 7.70 -21.83
C SER A 303 14.73 8.34 -20.46
N ILE A 304 15.87 8.16 -19.78
CA ILE A 304 16.05 8.75 -18.48
C ILE A 304 16.09 10.27 -18.65
N ALA A 305 16.71 10.72 -19.73
CA ALA A 305 16.82 12.14 -19.98
C ALA A 305 15.45 12.69 -20.31
N LYS A 306 14.69 11.96 -21.11
CA LYS A 306 13.37 12.42 -21.53
C LYS A 306 12.39 12.49 -20.36
N PHE A 307 12.45 11.51 -19.47
CA PHE A 307 11.60 11.49 -18.29
C PHE A 307 12.02 12.59 -17.31
N ASP A 308 13.32 12.83 -17.20
CA ASP A 308 13.80 13.91 -16.33
C ASP A 308 13.23 15.21 -16.82
N GLU A 309 13.25 15.46 -18.13
CA GLU A 309 12.68 16.69 -18.66
C GLU A 309 11.18 16.75 -18.43
N ALA A 310 10.48 15.62 -18.55
CA ALA A 310 9.05 15.59 -18.37
C ALA A 310 8.66 15.93 -16.95
N LEU A 311 9.58 15.70 -16.02
CA LEU A 311 9.33 15.90 -14.61
C LEU A 311 9.63 17.32 -14.15
N THR A 312 10.31 18.08 -15.01
CA THR A 312 10.67 19.46 -14.65
C THR A 312 9.47 20.26 -14.18
N GLY A 313 9.53 20.75 -12.95
CA GLY A 313 8.48 21.61 -12.42
C GLY A 313 7.26 20.87 -11.90
N ALA A 314 7.27 19.54 -11.89
CA ALA A 314 6.15 18.80 -11.32
C ALA A 314 5.87 19.21 -9.91
N LYS A 315 4.58 19.25 -9.54
CA LYS A 315 4.17 19.53 -8.17
C LYS A 315 3.58 18.29 -7.50
N THR A 316 3.15 17.31 -8.31
CA THR A 316 2.68 16.06 -7.76
C THR A 316 3.23 14.93 -8.62
N VAL A 317 3.73 13.89 -7.97
CA VAL A 317 4.24 12.70 -8.65
C VAL A 317 3.77 11.49 -7.88
N VAL A 318 3.18 10.52 -8.57
CA VAL A 318 2.86 9.22 -8.01
C VAL A 318 3.63 8.20 -8.80
N TRP A 319 4.34 7.34 -8.08
CA TRP A 319 5.25 6.37 -8.72
C TRP A 319 4.96 4.96 -8.21
N ASN A 320 4.65 4.04 -9.13
CA ASN A 320 4.63 2.63 -8.80
C ASN A 320 5.29 1.83 -9.90
N GLY A 321 6.46 1.28 -9.61
CA GLY A 321 7.04 0.23 -10.42
C GLY A 321 8.43 0.56 -10.91
N PRO A 322 9.40 -0.32 -10.66
CA PRO A 322 10.75 0.01 -11.12
C PRO A 322 10.85 0.11 -12.62
N MET A 323 11.81 0.91 -13.10
CA MET A 323 12.00 1.16 -14.52
C MET A 323 12.74 0.05 -15.22
N GLY A 324 13.33 -0.85 -14.43
CA GLY A 324 14.13 -1.95 -14.95
C GLY A 324 14.29 -3.03 -13.90
N VAL A 325 15.12 -4.03 -14.19
CA VAL A 325 15.30 -5.17 -13.28
C VAL A 325 16.23 -4.75 -12.13
N PHE A 326 15.64 -4.08 -11.15
CA PHE A 326 16.36 -3.36 -10.15
C PHE A 326 17.14 -4.25 -9.21
N GLU A 327 16.75 -5.53 -9.16
CA GLU A 327 17.43 -6.51 -8.33
C GLU A 327 18.89 -6.64 -8.77
N ASN A 328 19.16 -6.27 -10.02
CA ASN A 328 20.46 -6.45 -10.65
C ASN A 328 21.15 -5.09 -10.84
N PRO A 329 22.35 -4.90 -10.28
CA PRO A 329 23.09 -3.63 -10.39
C PRO A 329 23.30 -3.09 -11.80
N ASP A 330 23.32 -3.95 -12.82
CA ASP A 330 23.48 -3.49 -14.19
C ASP A 330 22.25 -2.78 -14.71
N PHE A 331 21.12 -2.97 -14.02
CA PHE A 331 19.81 -2.48 -14.51
C PHE A 331 19.09 -1.66 -13.48
N GLN A 332 19.87 -0.86 -12.76
CA GLN A 332 19.38 0.04 -11.72
C GLN A 332 19.34 1.51 -12.16
N ALA A 333 20.04 1.83 -13.24
CA ALA A 333 20.20 3.21 -13.64
C ALA A 333 18.88 3.94 -13.95
N GLY A 334 17.96 3.24 -14.60
CA GLY A 334 16.71 3.84 -15.01
C GLY A 334 15.92 4.23 -13.80
N THR A 335 15.85 3.31 -12.84
CA THR A 335 15.09 3.57 -11.62
C THR A 335 15.75 4.64 -10.77
N ILE A 336 17.05 4.57 -10.63
CA ILE A 336 17.74 5.61 -9.88
C ILE A 336 17.59 6.98 -10.54
N GLY A 337 17.76 7.02 -11.85
CA GLY A 337 17.62 8.24 -12.61
C GLY A 337 16.25 8.89 -12.44
N VAL A 338 15.19 8.08 -12.49
CA VAL A 338 13.83 8.60 -12.28
C VAL A 338 13.65 9.07 -10.82
N MET A 339 14.12 8.30 -9.84
CA MET A 339 13.96 8.72 -8.44
C MET A 339 14.62 10.07 -8.22
N ASP A 340 15.83 10.27 -8.73
CA ASP A 340 16.53 11.51 -8.49
C ASP A 340 15.85 12.67 -9.19
N ALA A 341 15.28 12.40 -10.35
CA ALA A 341 14.55 13.40 -11.13
C ALA A 341 13.25 13.80 -10.45
N ILE A 342 12.60 12.86 -9.77
CA ILE A 342 11.42 13.17 -8.98
C ILE A 342 11.77 14.07 -7.80
N VAL A 343 12.68 13.62 -6.96
CA VAL A 343 12.82 14.24 -5.64
C VAL A 343 13.49 15.59 -5.70
N LYS A 344 14.05 15.94 -6.85
CA LYS A 344 14.73 17.22 -6.96
C LYS A 344 13.76 18.33 -7.30
N GLN A 345 12.55 17.99 -7.72
CA GLN A 345 11.58 19.01 -8.12
C GLN A 345 11.10 19.85 -6.93
N PRO A 346 11.22 21.18 -7.04
CA PRO A 346 10.90 22.00 -5.87
C PRO A 346 9.45 21.95 -5.45
N GLY A 347 9.23 21.72 -4.15
CA GLY A 347 7.90 21.73 -3.59
C GLY A 347 7.12 20.49 -4.01
N VAL A 348 7.76 19.54 -4.66
CA VAL A 348 7.00 18.39 -5.17
C VAL A 348 6.43 17.53 -4.06
N LYS A 349 5.22 17.05 -4.26
CA LYS A 349 4.61 16.05 -3.42
C LYS A 349 4.79 14.71 -4.11
N SER A 350 5.76 13.94 -3.64
CA SER A 350 6.16 12.70 -4.28
C SER A 350 5.75 11.52 -3.46
N ILE A 351 5.13 10.57 -4.13
CA ILE A 351 4.38 9.51 -3.49
C ILE A 351 4.73 8.20 -4.12
N ILE A 352 5.23 7.26 -3.33
CA ILE A 352 5.52 5.91 -3.83
C ILE A 352 4.42 4.97 -3.41
N GLY A 353 3.99 4.14 -4.34
CA GLY A 353 2.96 3.18 -4.07
C GLY A 353 3.17 1.80 -4.66
N GLY A 354 4.37 1.27 -4.54
CA GLY A 354 4.63 -0.12 -4.90
C GLY A 354 5.70 -0.69 -4.00
N GLY A 355 5.68 -2.01 -3.82
CA GLY A 355 6.56 -2.70 -2.90
C GLY A 355 8.03 -2.70 -3.24
N ASP A 356 8.37 -3.13 -4.47
CA ASP A 356 9.74 -3.09 -4.95
C ASP A 356 10.18 -1.66 -5.11
N SER A 357 9.25 -0.78 -5.47
CA SER A 357 9.60 0.64 -5.64
C SER A 357 10.04 1.28 -4.32
N ALA A 358 9.29 1.01 -3.24
CA ALA A 358 9.68 1.53 -1.93
C ALA A 358 11.00 0.91 -1.50
N ALA A 359 11.16 -0.39 -1.73
CA ALA A 359 12.37 -1.08 -1.32
C ALA A 359 13.59 -0.50 -2.03
N ALA A 360 13.44 -0.20 -3.30
CA ALA A 360 14.52 0.37 -4.08
C ALA A 360 14.92 1.75 -3.56
N ALA A 361 13.93 2.58 -3.29
CA ALA A 361 14.16 3.91 -2.74
C ALA A 361 14.90 3.83 -1.43
N ILE A 362 14.49 2.90 -0.57
CA ILE A 362 15.13 2.76 0.72
C ILE A 362 16.56 2.23 0.57
N ASN A 363 16.69 1.17 -0.22
CA ASN A 363 17.99 0.53 -0.43
C ASN A 363 19.02 1.46 -1.04
N LEU A 364 18.59 2.33 -1.94
CA LEU A 364 19.53 3.16 -2.67
C LEU A 364 19.69 4.56 -2.11
N GLY A 365 19.07 4.84 -0.96
CA GLY A 365 19.35 6.09 -0.28
C GLY A 365 18.53 7.28 -0.73
N ARG A 366 17.39 7.04 -1.36
CA ARG A 366 16.52 8.13 -1.84
C ARG A 366 15.21 8.26 -1.06
N ALA A 367 14.87 7.28 -0.24
CA ALA A 367 13.53 7.21 0.33
C ALA A 367 13.21 8.42 1.19
N ASP A 368 14.20 8.91 1.90
CA ASP A 368 13.96 10.00 2.83
C ASP A 368 13.63 11.33 2.12
N LYS A 369 13.84 11.38 0.81
CA LYS A 369 13.57 12.58 0.01
C LYS A 369 12.14 12.56 -0.57
N PHE A 370 11.42 11.45 -0.43
CA PHE A 370 10.04 11.38 -0.92
C PHE A 370 9.07 11.90 0.12
N SER A 371 7.89 12.36 -0.27
CA SER A 371 6.92 12.86 0.71
C SER A 371 6.19 11.76 1.40
N TRP A 372 5.84 10.73 0.66
CA TRP A 372 5.07 9.65 1.24
C TRP A 372 5.42 8.33 0.59
N ILE A 373 5.64 7.32 1.41
CA ILE A 373 5.83 5.96 0.90
C ILE A 373 4.72 5.11 1.45
N SER A 374 3.88 4.62 0.54
CA SER A 374 2.67 3.89 0.91
C SER A 374 3.05 2.45 1.22
N THR A 375 2.32 1.83 2.15
CA THR A 375 2.54 0.42 2.49
C THR A 375 1.21 -0.32 2.44
N GLY A 376 0.28 0.17 1.63
CA GLY A 376 -1.06 -0.37 1.58
C GLY A 376 -1.24 -1.50 0.58
N GLY A 377 -0.24 -1.77 -0.26
CA GLY A 377 -0.33 -2.85 -1.25
C GLY A 377 -1.58 -2.88 -2.12
N GLY A 378 -2.42 -3.90 -1.97
CA GLY A 378 -3.63 -4.02 -2.77
C GLY A 378 -4.56 -2.84 -2.55
N ALA A 379 -4.63 -2.34 -1.32
CA ALA A 379 -5.44 -1.17 -1.05
C ALA A 379 -4.92 0.01 -1.82
N SER A 380 -3.61 0.16 -1.88
CA SER A 380 -3.02 1.32 -2.58
C SER A 380 -3.35 1.30 -4.05
N MET A 381 -3.23 0.11 -4.65
CA MET A 381 -3.58 -0.08 -6.06
C MET A 381 -5.04 0.22 -6.31
N GLU A 382 -5.93 -0.32 -5.49
CA GLU A 382 -7.36 -0.14 -5.76
C GLU A 382 -7.75 1.34 -5.61
N LEU A 383 -7.10 2.06 -4.69
CA LEU A 383 -7.42 3.44 -4.47
C LEU A 383 -6.87 4.25 -5.65
N LEU A 384 -5.69 3.91 -6.16
CA LEU A 384 -5.15 4.56 -7.37
C LEU A 384 -5.96 4.23 -8.62
N GLU A 385 -6.77 3.18 -8.59
CA GLU A 385 -7.68 2.91 -9.67
C GLU A 385 -8.90 3.82 -9.60
N GLY A 386 -9.11 4.46 -8.46
CA GLY A 386 -10.22 5.37 -8.32
C GLY A 386 -11.45 4.70 -7.77
N LYS A 387 -11.27 3.52 -7.18
CA LYS A 387 -12.39 2.76 -6.63
C LYS A 387 -12.73 3.29 -5.25
N VAL A 388 -13.98 3.07 -4.86
CA VAL A 388 -14.45 3.37 -3.53
C VAL A 388 -14.24 2.12 -2.71
N LEU A 389 -13.33 2.18 -1.77
CA LEU A 389 -12.98 1.02 -0.96
C LEU A 389 -13.99 0.87 0.16
N PRO A 390 -14.36 -0.39 0.48
CA PRO A 390 -15.41 -0.65 1.48
C PRO A 390 -15.02 -0.15 2.86
N GLY A 391 -13.74 -0.28 3.23
CA GLY A 391 -13.31 0.20 4.52
C GLY A 391 -13.37 1.70 4.65
N LEU A 392 -13.29 2.41 3.54
CA LEU A 392 -13.41 3.86 3.56
C LEU A 392 -14.86 4.28 3.45
N ALA A 393 -15.63 3.59 2.63
CA ALA A 393 -17.05 3.88 2.51
C ALA A 393 -17.69 3.77 3.85
N ALA A 394 -17.20 2.84 4.67
CA ALA A 394 -17.79 2.53 5.94
C ALA A 394 -17.51 3.59 6.99
N LEU A 395 -16.59 4.50 6.72
CA LEU A 395 -16.24 5.52 7.71
C LEU A 395 -17.30 6.61 7.74
N THR A 396 -17.45 7.24 8.89
CA THR A 396 -18.46 8.27 9.07
C THR A 396 -18.03 9.57 8.38
N GLU A 397 -18.96 10.21 7.66
CA GLU A 397 -18.73 11.49 7.01
C GLU A 397 -18.63 12.59 8.07
N LYS A 398 -17.65 13.49 7.92
CA LYS A 398 -17.54 14.69 8.74
C LYS A 398 -18.70 15.62 8.48
#